data_2LNY
# 
_entry.id   2LNY 
# 
_audit_conform.dict_name       mmcif_pdbx.dic 
_audit_conform.dict_version    5.392 
_audit_conform.dict_location   http://mmcif.pdb.org/dictionaries/ascii/mmcif_pdbx.dic 
# 
loop_
_database_2.database_id 
_database_2.database_code 
_database_2.pdbx_database_accession 
_database_2.pdbx_DOI 
PDB   2LNY         pdb_00002lny 10.2210/pdb2lny/pdb 
RCSB  RCSB102616   ?            ?                   
BMRB  18184        ?            10.13018/BMR18184   
WWPDB D_1000102616 ?            ?                   
# 
loop_
_pdbx_audit_revision_history.ordinal 
_pdbx_audit_revision_history.data_content_type 
_pdbx_audit_revision_history.major_revision 
_pdbx_audit_revision_history.minor_revision 
_pdbx_audit_revision_history.revision_date 
1 'Structure model' 1 0 2012-08-08 
2 'Structure model' 1 1 2023-06-14 
3 'Structure model' 1 2 2024-05-15 
# 
_pdbx_audit_revision_details.ordinal             1 
_pdbx_audit_revision_details.revision_ordinal    1 
_pdbx_audit_revision_details.data_content_type   'Structure model' 
_pdbx_audit_revision_details.provider            repository 
_pdbx_audit_revision_details.type                'Initial release' 
_pdbx_audit_revision_details.description         ? 
_pdbx_audit_revision_details.details             ? 
# 
loop_
_pdbx_audit_revision_group.ordinal 
_pdbx_audit_revision_group.revision_ordinal 
_pdbx_audit_revision_group.data_content_type 
_pdbx_audit_revision_group.group 
1 2 'Structure model' 'Data collection'     
2 2 'Structure model' 'Database references' 
3 2 'Structure model' Other                 
4 3 'Structure model' 'Data collection'     
5 3 'Structure model' 'Database references' 
# 
loop_
_pdbx_audit_revision_category.ordinal 
_pdbx_audit_revision_category.revision_ordinal 
_pdbx_audit_revision_category.data_content_type 
_pdbx_audit_revision_category.category 
1 2 'Structure model' database_2            
2 2 'Structure model' pdbx_database_status  
3 2 'Structure model' pdbx_nmr_spectrometer 
4 3 'Structure model' chem_comp_atom        
5 3 'Structure model' chem_comp_bond        
6 3 'Structure model' database_2            
# 
loop_
_pdbx_audit_revision_item.ordinal 
_pdbx_audit_revision_item.revision_ordinal 
_pdbx_audit_revision_item.data_content_type 
_pdbx_audit_revision_item.item 
1 2 'Structure model' '_database_2.pdbx_DOI'                       
2 2 'Structure model' '_database_2.pdbx_database_accession'        
3 2 'Structure model' '_pdbx_database_status.status_code_nmr_data' 
4 2 'Structure model' '_pdbx_nmr_spectrometer.model'               
5 3 'Structure model' '_database_2.pdbx_DOI'                       
# 
_pdbx_database_status.deposit_site                    BMRB 
_pdbx_database_status.entry_id                        2LNY 
_pdbx_database_status.process_site                    RCSB 
_pdbx_database_status.recvd_initial_deposition_date   2012-01-06 
_pdbx_database_status.SG_entry                        ? 
_pdbx_database_status.status_code                     REL 
_pdbx_database_status.status_code_mr                  REL 
_pdbx_database_status.status_code_sf                  ? 
_pdbx_database_status.status_code_cs                  REL 
_pdbx_database_status.methods_development_category    ? 
_pdbx_database_status.pdb_format_compatible           Y 
_pdbx_database_status.status_code_nmr_data            REL 
# 
_pdbx_database_related.db_id          18184 
_pdbx_database_related.db_name        BMRB 
_pdbx_database_related.content_type   unspecified 
_pdbx_database_related.details        . 
# 
_audit_author.name           'Weingarth, M.' 
_audit_author.pdbx_ordinal   1 
# 
_citation.id                        primary 
_citation.title                     
'Supramolecular structure of membrane-associated polypeptides by combining solid-state NMR and molecular dynamics simulations.' 
_citation.journal_abbrev            Biophys.J. 
_citation.journal_volume            103 
_citation.page_first                29 
_citation.page_last                 37 
_citation.year                      2012 
_citation.journal_id_ASTM           BIOJAU 
_citation.country                   US 
_citation.journal_id_ISSN           0006-3495 
_citation.journal_id_CSD            0030 
_citation.book_publisher            ? 
_citation.pdbx_database_id_PubMed   22828329 
_citation.pdbx_database_id_DOI      10.1016/j.bpj.2012.05.016 
# 
loop_
_citation_author.citation_id 
_citation_author.name 
_citation_author.ordinal 
_citation_author.identifier_ORCID 
primary 'Weingarth, M.'   1 ? 
primary 'Ader, C.'        2 ? 
primary 'Melquiond, A.J.' 3 ? 
primary 'Nand, D.'        4 ? 
primary 'Pongs, O.'       5 ? 
primary 'Becker, S.'      6 ? 
primary 'Bonvin, A.M.'    7 ? 
primary 'Baldus, M.'      8 ? 
# 
_entity.id                         1 
_entity.type                       polymer 
_entity.src_method                 man 
_entity.pdbx_description           'ShB peptide' 
_entity.formula_weight             2233.573 
_entity.pdbx_number_of_molecules   1 
_entity.pdbx_ec                    ? 
_entity.pdbx_mutation              ? 
_entity.pdbx_fragment              ? 
_entity.details                    ? 
# 
_entity_poly.entity_id                      1 
_entity_poly.type                           'polypeptide(L)' 
_entity_poly.nstd_linkage                   no 
_entity_poly.nstd_monomer                   no 
_entity_poly.pdbx_seq_one_letter_code       MAAVAGLYGLGEDRQHRKKQ 
_entity_poly.pdbx_seq_one_letter_code_can   MAAVAGLYGLGEDRQHRKKQ 
_entity_poly.pdbx_strand_id                 A 
_entity_poly.pdbx_target_identifier         ? 
# 
loop_
_entity_poly_seq.entity_id 
_entity_poly_seq.num 
_entity_poly_seq.mon_id 
_entity_poly_seq.hetero 
1 1  MET n 
1 2  ALA n 
1 3  ALA n 
1 4  VAL n 
1 5  ALA n 
1 6  GLY n 
1 7  LEU n 
1 8  TYR n 
1 9  GLY n 
1 10 LEU n 
1 11 GLY n 
1 12 GLU n 
1 13 ASP n 
1 14 ARG n 
1 15 GLN n 
1 16 HIS n 
1 17 ARG n 
1 18 LYS n 
1 19 LYS n 
1 20 GLN n 
# 
_entity_src_gen.entity_id                          1 
_entity_src_gen.pdbx_src_id                        1 
_entity_src_gen.pdbx_alt_source_flag               sample 
_entity_src_gen.pdbx_seq_type                      ? 
_entity_src_gen.pdbx_beg_seq_num                   ? 
_entity_src_gen.pdbx_end_seq_num                   ? 
_entity_src_gen.gene_src_common_name               ? 
_entity_src_gen.gene_src_genus                     ? 
_entity_src_gen.pdbx_gene_src_gene                 ? 
_entity_src_gen.gene_src_species                   ? 
_entity_src_gen.gene_src_strain                    ? 
_entity_src_gen.gene_src_tissue                    ? 
_entity_src_gen.gene_src_tissue_fraction           ? 
_entity_src_gen.gene_src_details                   ? 
_entity_src_gen.pdbx_gene_src_fragment             ? 
_entity_src_gen.pdbx_gene_src_scientific_name      'artificial gene' 
_entity_src_gen.pdbx_gene_src_ncbi_taxonomy_id     32630 
_entity_src_gen.pdbx_gene_src_variant              ? 
_entity_src_gen.pdbx_gene_src_cell_line            ? 
_entity_src_gen.pdbx_gene_src_atcc                 ? 
_entity_src_gen.pdbx_gene_src_organ                ? 
_entity_src_gen.pdbx_gene_src_organelle            ? 
_entity_src_gen.pdbx_gene_src_cell                 ? 
_entity_src_gen.pdbx_gene_src_cellular_location    ? 
_entity_src_gen.host_org_common_name               ? 
_entity_src_gen.pdbx_host_org_scientific_name      'Escherichia coli' 
_entity_src_gen.pdbx_host_org_ncbi_taxonomy_id     562 
_entity_src_gen.host_org_genus                     ? 
_entity_src_gen.pdbx_host_org_gene                 ? 
_entity_src_gen.pdbx_host_org_organ                ? 
_entity_src_gen.host_org_species                   ? 
_entity_src_gen.pdbx_host_org_tissue               ? 
_entity_src_gen.pdbx_host_org_tissue_fraction      ? 
_entity_src_gen.pdbx_host_org_strain               ? 
_entity_src_gen.pdbx_host_org_variant              ? 
_entity_src_gen.pdbx_host_org_cell_line            ? 
_entity_src_gen.pdbx_host_org_atcc                 ? 
_entity_src_gen.pdbx_host_org_culture_collection   ? 
_entity_src_gen.pdbx_host_org_cell                 ? 
_entity_src_gen.pdbx_host_org_organelle            ? 
_entity_src_gen.pdbx_host_org_cellular_location    ? 
_entity_src_gen.pdbx_host_org_vector_type          ? 
_entity_src_gen.pdbx_host_org_vector               pMal 
_entity_src_gen.host_org_details                   ? 
_entity_src_gen.expression_system_id               ? 
_entity_src_gen.plasmid_name                       ? 
_entity_src_gen.plasmid_details                    ? 
_entity_src_gen.pdbx_description                   ? 
# 
loop_
_chem_comp.id 
_chem_comp.type 
_chem_comp.mon_nstd_flag 
_chem_comp.name 
_chem_comp.pdbx_synonyms 
_chem_comp.formula 
_chem_comp.formula_weight 
ALA 'L-peptide linking' y ALANINE         ? 'C3 H7 N O2'     89.093  
ARG 'L-peptide linking' y ARGININE        ? 'C6 H15 N4 O2 1' 175.209 
ASP 'L-peptide linking' y 'ASPARTIC ACID' ? 'C4 H7 N O4'     133.103 
GLN 'L-peptide linking' y GLUTAMINE       ? 'C5 H10 N2 O3'   146.144 
GLU 'L-peptide linking' y 'GLUTAMIC ACID' ? 'C5 H9 N O4'     147.129 
GLY 'peptide linking'   y GLYCINE         ? 'C2 H5 N O2'     75.067  
HIS 'L-peptide linking' y HISTIDINE       ? 'C6 H10 N3 O2 1' 156.162 
LEU 'L-peptide linking' y LEUCINE         ? 'C6 H13 N O2'    131.173 
LYS 'L-peptide linking' y LYSINE          ? 'C6 H15 N2 O2 1' 147.195 
MET 'L-peptide linking' y METHIONINE      ? 'C5 H11 N O2 S'  149.211 
TYR 'L-peptide linking' y TYROSINE        ? 'C9 H11 N O3'    181.189 
VAL 'L-peptide linking' y VALINE          ? 'C5 H11 N O2'    117.146 
# 
loop_
_pdbx_poly_seq_scheme.asym_id 
_pdbx_poly_seq_scheme.entity_id 
_pdbx_poly_seq_scheme.seq_id 
_pdbx_poly_seq_scheme.mon_id 
_pdbx_poly_seq_scheme.ndb_seq_num 
_pdbx_poly_seq_scheme.pdb_seq_num 
_pdbx_poly_seq_scheme.auth_seq_num 
_pdbx_poly_seq_scheme.pdb_mon_id 
_pdbx_poly_seq_scheme.auth_mon_id 
_pdbx_poly_seq_scheme.pdb_strand_id 
_pdbx_poly_seq_scheme.pdb_ins_code 
_pdbx_poly_seq_scheme.hetero 
A 1 1  MET 1  1  1  MET MET A . n 
A 1 2  ALA 2  2  2  ALA ALA A . n 
A 1 3  ALA 3  3  3  ALA ALA A . n 
A 1 4  VAL 4  4  4  VAL VAL A . n 
A 1 5  ALA 5  5  5  ALA ALA A . n 
A 1 6  GLY 6  6  6  GLY GLY A . n 
A 1 7  LEU 7  7  7  LEU LEU A . n 
A 1 8  TYR 8  8  8  TYR TYR A . n 
A 1 9  GLY 9  9  9  GLY GLY A . n 
A 1 10 LEU 10 10 10 LEU LEU A . n 
A 1 11 GLY 11 11 11 GLY GLY A . n 
A 1 12 GLU 12 12 12 GLU GLU A . n 
A 1 13 ASP 13 13 13 ASP ASP A . n 
A 1 14 ARG 14 14 14 ARG ARG A . n 
A 1 15 GLN 15 15 15 GLN GLN A . n 
A 1 16 HIS 16 16 16 HIS HIS A . n 
A 1 17 ARG 17 17 17 ARG ARG A . n 
A 1 18 LYS 18 18 18 LYS LYS A . n 
A 1 19 LYS 19 19 19 LYS LYS A . n 
A 1 20 GLN 20 20 20 GLN GLN A . n 
# 
_exptl.absorpt_coefficient_mu     ? 
_exptl.absorpt_correction_T_max   ? 
_exptl.absorpt_correction_T_min   ? 
_exptl.absorpt_correction_type    ? 
_exptl.absorpt_process_details    ? 
_exptl.crystals_number            ? 
_exptl.details                    ? 
_exptl.entry_id                   2LNY 
_exptl.method                     'SOLID-STATE NMR' 
_exptl.method_details             ? 
# 
_struct.entry_id                  2LNY 
_struct.title                     
'ShB peptide structure bound to negatively charged lipid-bilayer after Molecular Dynamics refinement' 
_struct.pdbx_model_details        'closest to the average, model 1' 
_struct.pdbx_CASP_flag            N 
_struct.pdbx_model_type_details   ? 
# 
_struct_keywords.entry_id        2LNY 
_struct_keywords.pdbx_keywords   'DE NOVO PROTEIN' 
_struct_keywords.text            'De novo-peptide, N-type inactivation, potassium channel, DE NOVO PROTEIN' 
# 
_struct_asym.id                            A 
_struct_asym.pdbx_blank_PDB_chainid_flag   N 
_struct_asym.pdbx_modified                 N 
_struct_asym.entity_id                     1 
_struct_asym.details                       ? 
# 
_struct_ref.id                         1 
_struct_ref.db_name                    PDB 
_struct_ref.db_code                    2LNY 
_struct_ref.pdbx_db_accession          2LNY 
_struct_ref.entity_id                  1 
_struct_ref.pdbx_align_begin           ? 
_struct_ref.pdbx_seq_one_letter_code   ? 
_struct_ref.pdbx_db_isoform            ? 
# 
_struct_ref_seq.align_id                      1 
_struct_ref_seq.ref_id                        1 
_struct_ref_seq.pdbx_PDB_id_code              2LNY 
_struct_ref_seq.pdbx_strand_id                A 
_struct_ref_seq.seq_align_beg                 1 
_struct_ref_seq.pdbx_seq_align_beg_ins_code   ? 
_struct_ref_seq.seq_align_end                 20 
_struct_ref_seq.pdbx_seq_align_end_ins_code   ? 
_struct_ref_seq.pdbx_db_accession             2LNY 
_struct_ref_seq.db_align_beg                  1 
_struct_ref_seq.pdbx_db_align_beg_ins_code    ? 
_struct_ref_seq.db_align_end                  20 
_struct_ref_seq.pdbx_db_align_end_ins_code    ? 
_struct_ref_seq.pdbx_auth_seq_align_beg       1 
_struct_ref_seq.pdbx_auth_seq_align_end       20 
# 
_pdbx_struct_assembly.id                   1 
_pdbx_struct_assembly.details              author_defined_assembly 
_pdbx_struct_assembly.method_details       ? 
_pdbx_struct_assembly.oligomeric_details   monomeric 
_pdbx_struct_assembly.oligomeric_count     1 
# 
_pdbx_struct_assembly_gen.assembly_id       1 
_pdbx_struct_assembly_gen.oper_expression   1 
_pdbx_struct_assembly_gen.asym_id_list      A 
# 
_pdbx_struct_oper_list.id                   1 
_pdbx_struct_oper_list.type                 'identity operation' 
_pdbx_struct_oper_list.name                 1_555 
_pdbx_struct_oper_list.symmetry_operation   x,y,z 
_pdbx_struct_oper_list.matrix[1][1]         1.0000000000 
_pdbx_struct_oper_list.matrix[1][2]         0.0000000000 
_pdbx_struct_oper_list.matrix[1][3]         0.0000000000 
_pdbx_struct_oper_list.vector[1]            0.0000000000 
_pdbx_struct_oper_list.matrix[2][1]         0.0000000000 
_pdbx_struct_oper_list.matrix[2][2]         1.0000000000 
_pdbx_struct_oper_list.matrix[2][3]         0.0000000000 
_pdbx_struct_oper_list.vector[2]            0.0000000000 
_pdbx_struct_oper_list.matrix[3][1]         0.0000000000 
_pdbx_struct_oper_list.matrix[3][2]         0.0000000000 
_pdbx_struct_oper_list.matrix[3][3]         1.0000000000 
_pdbx_struct_oper_list.vector[3]            0.0000000000 
# 
_struct_biol.id        1 
_struct_biol.details   ? 
# 
_struct_sheet.id               A 
_struct_sheet.type             ? 
_struct_sheet.number_strands   2 
_struct_sheet.details          ? 
# 
_struct_sheet_order.sheet_id     A 
_struct_sheet_order.range_id_1   1 
_struct_sheet_order.range_id_2   2 
_struct_sheet_order.offset       ? 
_struct_sheet_order.sense        anti-parallel 
# 
loop_
_struct_sheet_range.sheet_id 
_struct_sheet_range.id 
_struct_sheet_range.beg_label_comp_id 
_struct_sheet_range.beg_label_asym_id 
_struct_sheet_range.beg_label_seq_id 
_struct_sheet_range.pdbx_beg_PDB_ins_code 
_struct_sheet_range.end_label_comp_id 
_struct_sheet_range.end_label_asym_id 
_struct_sheet_range.end_label_seq_id 
_struct_sheet_range.pdbx_end_PDB_ins_code 
_struct_sheet_range.beg_auth_comp_id 
_struct_sheet_range.beg_auth_asym_id 
_struct_sheet_range.beg_auth_seq_id 
_struct_sheet_range.end_auth_comp_id 
_struct_sheet_range.end_auth_asym_id 
_struct_sheet_range.end_auth_seq_id 
A 1 ALA A 2 ? ALA A 5  ? ALA A 2 ALA A 5  
A 2 TYR A 8 ? GLY A 11 ? TYR A 8 GLY A 11 
# 
_pdbx_struct_sheet_hbond.sheet_id                A 
_pdbx_struct_sheet_hbond.range_id_1              1 
_pdbx_struct_sheet_hbond.range_id_2              2 
_pdbx_struct_sheet_hbond.range_1_label_atom_id   N 
_pdbx_struct_sheet_hbond.range_1_label_comp_id   ALA 
_pdbx_struct_sheet_hbond.range_1_label_asym_id   A 
_pdbx_struct_sheet_hbond.range_1_label_seq_id    3 
_pdbx_struct_sheet_hbond.range_1_PDB_ins_code    ? 
_pdbx_struct_sheet_hbond.range_1_auth_atom_id    N 
_pdbx_struct_sheet_hbond.range_1_auth_comp_id    ALA 
_pdbx_struct_sheet_hbond.range_1_auth_asym_id    A 
_pdbx_struct_sheet_hbond.range_1_auth_seq_id     3 
_pdbx_struct_sheet_hbond.range_2_label_atom_id   O 
_pdbx_struct_sheet_hbond.range_2_label_comp_id   LEU 
_pdbx_struct_sheet_hbond.range_2_label_asym_id   A 
_pdbx_struct_sheet_hbond.range_2_label_seq_id    10 
_pdbx_struct_sheet_hbond.range_2_PDB_ins_code    ? 
_pdbx_struct_sheet_hbond.range_2_auth_atom_id    O 
_pdbx_struct_sheet_hbond.range_2_auth_comp_id    LEU 
_pdbx_struct_sheet_hbond.range_2_auth_asym_id    A 
_pdbx_struct_sheet_hbond.range_2_auth_seq_id     10 
# 
loop_
_pdbx_validate_rmsd_angle.id 
_pdbx_validate_rmsd_angle.PDB_model_num 
_pdbx_validate_rmsd_angle.auth_atom_id_1 
_pdbx_validate_rmsd_angle.auth_asym_id_1 
_pdbx_validate_rmsd_angle.auth_comp_id_1 
_pdbx_validate_rmsd_angle.auth_seq_id_1 
_pdbx_validate_rmsd_angle.PDB_ins_code_1 
_pdbx_validate_rmsd_angle.label_alt_id_1 
_pdbx_validate_rmsd_angle.auth_atom_id_2 
_pdbx_validate_rmsd_angle.auth_asym_id_2 
_pdbx_validate_rmsd_angle.auth_comp_id_2 
_pdbx_validate_rmsd_angle.auth_seq_id_2 
_pdbx_validate_rmsd_angle.PDB_ins_code_2 
_pdbx_validate_rmsd_angle.label_alt_id_2 
_pdbx_validate_rmsd_angle.auth_atom_id_3 
_pdbx_validate_rmsd_angle.auth_asym_id_3 
_pdbx_validate_rmsd_angle.auth_comp_id_3 
_pdbx_validate_rmsd_angle.auth_seq_id_3 
_pdbx_validate_rmsd_angle.PDB_ins_code_3 
_pdbx_validate_rmsd_angle.label_alt_id_3 
_pdbx_validate_rmsd_angle.angle_value 
_pdbx_validate_rmsd_angle.angle_target_value 
_pdbx_validate_rmsd_angle.angle_deviation 
_pdbx_validate_rmsd_angle.angle_standard_deviation 
_pdbx_validate_rmsd_angle.linker_flag 
1 1 CB  A TYR 8  ? ? CG  A TYR 8  ? ? CD2 A TYR 8  ? ? 112.83 121.00 -8.17 0.60 N 
2 1 CD1 A TYR 8  ? ? CG  A TYR 8  ? ? CD2 A TYR 8  ? ? 124.91 117.90 7.01  1.10 N 
3 1 CG  A TYR 8  ? ? CD1 A TYR 8  ? ? CE1 A TYR 8  ? ? 116.11 121.30 -5.19 0.80 N 
4 1 CG  A TYR 8  ? ? CD2 A TYR 8  ? ? CE2 A TYR 8  ? ? 113.72 121.30 -7.58 0.80 N 
5 1 CZ  A TYR 8  ? ? CE2 A TYR 8  ? ? CD2 A TYR 8  ? ? 125.87 119.80 6.07  0.90 N 
6 1 NE  A ARG 14 ? ? CZ  A ARG 14 ? ? NH1 A ARG 14 ? ? 126.11 120.30 5.81  0.50 N 
7 1 NE  A ARG 14 ? ? CZ  A ARG 14 ? ? NH2 A ARG 14 ? ? 116.60 120.30 -3.70 0.50 N 
# 
loop_
_pdbx_validate_torsion.id 
_pdbx_validate_torsion.PDB_model_num 
_pdbx_validate_torsion.auth_comp_id 
_pdbx_validate_torsion.auth_asym_id 
_pdbx_validate_torsion.auth_seq_id 
_pdbx_validate_torsion.PDB_ins_code 
_pdbx_validate_torsion.label_alt_id 
_pdbx_validate_torsion.phi 
_pdbx_validate_torsion.psi 
1 1 VAL A 4  ? ? -108.59 77.80  
2 1 GLU A 12 ? ? -166.28 119.93 
3 1 ARG A 14 ? ? -109.63 61.13  
4 1 ARG A 17 ? ? -50.27  108.40 
5 1 LYS A 18 ? ? 62.82   66.72  
6 1 LYS A 19 ? ? 39.32   91.62  
# 
_pdbx_nmr_ensemble.average_constraint_violations_per_residue     ? 
_pdbx_nmr_ensemble.average_constraints_per_residue               ? 
_pdbx_nmr_ensemble.average_distance_constraint_violation         ? 
_pdbx_nmr_ensemble.average_torsion_angle_constraint_violation    ? 
_pdbx_nmr_ensemble.conformer_selection_criteria                  'target function' 
_pdbx_nmr_ensemble.conformers_calculated_total_number            1 
_pdbx_nmr_ensemble.conformers_submitted_total_number             1 
_pdbx_nmr_ensemble.distance_constraint_violation_method          ? 
_pdbx_nmr_ensemble.entry_id                                      2LNY 
_pdbx_nmr_ensemble.maximum_distance_constraint_violation         ? 
_pdbx_nmr_ensemble.maximum_lower_distance_constraint_violation   ? 
_pdbx_nmr_ensemble.maximum_torsion_angle_constraint_violation    ? 
_pdbx_nmr_ensemble.maximum_upper_distance_constraint_violation   ? 
_pdbx_nmr_ensemble.torsion_angle_constraint_violation_method     ? 
# 
_pdbx_nmr_representative.conformer_id         1 
_pdbx_nmr_representative.entry_id             2LNY 
_pdbx_nmr_representative.selection_criteria   'closest to the average' 
# 
_pdbx_nmr_sample_details.contents         '7 mM DOPC, 3 mM Cardiolipin, H2O/Lipid' 
_pdbx_nmr_sample_details.solution_id      1 
_pdbx_nmr_sample_details.solvent_system   H2O/Lipid 
# 
loop_
_pdbx_nmr_exptl_sample.component 
_pdbx_nmr_exptl_sample.concentration 
_pdbx_nmr_exptl_sample.concentration_range 
_pdbx_nmr_exptl_sample.concentration_units 
_pdbx_nmr_exptl_sample.isotopic_labeling 
_pdbx_nmr_exptl_sample.solution_id 
DOPC-1        7 ? mM ? 1 
Cardiolipin-2 3 ? mM ? 1 
# 
_pdbx_nmr_exptl_sample_conditions.conditions_id       1 
_pdbx_nmr_exptl_sample_conditions.ionic_strength      0.3 
_pdbx_nmr_exptl_sample_conditions.pH                  4.0 
_pdbx_nmr_exptl_sample_conditions.pressure            ? 
_pdbx_nmr_exptl_sample_conditions.pressure_units      ? 
_pdbx_nmr_exptl_sample_conditions.temperature         277-283 
_pdbx_nmr_exptl_sample_conditions.temperature_units   K 
# 
loop_
_pdbx_nmr_exptl.conditions_id 
_pdbx_nmr_exptl.experiment_id 
_pdbx_nmr_exptl.solution_id 
_pdbx_nmr_exptl.type 
1 1 1 '13C-13C PARISxy' 
1 2 1 '13c-13C PDSD'    
1 3 1 SPECIFIC-NCA      
1 4 1 SPECIFIC-NCO      
1 5 1 CHHC              
1 6 1 NHHC              
1 7 1 HHC               
# 
_pdbx_nmr_refine.entry_id           2LNY 
_pdbx_nmr_refine.method             'simulated annealing, molecular dynamics' 
_pdbx_nmr_refine.details            ? 
_pdbx_nmr_refine.software_ordinal   1 
# 
loop_
_pdbx_nmr_software.authors 
_pdbx_nmr_software.classification 
_pdbx_nmr_software.name 
_pdbx_nmr_software.version 
_pdbx_nmr_software.ordinal 
'van Gunsteren and Berendsen'                 refinement GROMOS 53a6 1 
'Brunger, Adams, Clore, Gros, Nilges and Rea' refinement CNS    ?    2 
# 
loop_
_chem_comp_atom.comp_id 
_chem_comp_atom.atom_id 
_chem_comp_atom.type_symbol 
_chem_comp_atom.pdbx_aromatic_flag 
_chem_comp_atom.pdbx_stereo_config 
_chem_comp_atom.pdbx_ordinal 
ALA N    N N N 1   
ALA CA   C N S 2   
ALA C    C N N 3   
ALA O    O N N 4   
ALA CB   C N N 5   
ALA OXT  O N N 6   
ALA H    H N N 7   
ALA H2   H N N 8   
ALA HA   H N N 9   
ALA HB1  H N N 10  
ALA HB2  H N N 11  
ALA HB3  H N N 12  
ALA HXT  H N N 13  
ARG N    N N N 14  
ARG CA   C N S 15  
ARG C    C N N 16  
ARG O    O N N 17  
ARG CB   C N N 18  
ARG CG   C N N 19  
ARG CD   C N N 20  
ARG NE   N N N 21  
ARG CZ   C N N 22  
ARG NH1  N N N 23  
ARG NH2  N N N 24  
ARG OXT  O N N 25  
ARG H    H N N 26  
ARG H2   H N N 27  
ARG HA   H N N 28  
ARG HB2  H N N 29  
ARG HB3  H N N 30  
ARG HG2  H N N 31  
ARG HG3  H N N 32  
ARG HD2  H N N 33  
ARG HD3  H N N 34  
ARG HE   H N N 35  
ARG HH11 H N N 36  
ARG HH12 H N N 37  
ARG HH21 H N N 38  
ARG HH22 H N N 39  
ARG HXT  H N N 40  
ASP N    N N N 41  
ASP CA   C N S 42  
ASP C    C N N 43  
ASP O    O N N 44  
ASP CB   C N N 45  
ASP CG   C N N 46  
ASP OD1  O N N 47  
ASP OD2  O N N 48  
ASP OXT  O N N 49  
ASP H    H N N 50  
ASP H2   H N N 51  
ASP HA   H N N 52  
ASP HB2  H N N 53  
ASP HB3  H N N 54  
ASP HD2  H N N 55  
ASP HXT  H N N 56  
GLN N    N N N 57  
GLN CA   C N S 58  
GLN C    C N N 59  
GLN O    O N N 60  
GLN CB   C N N 61  
GLN CG   C N N 62  
GLN CD   C N N 63  
GLN OE1  O N N 64  
GLN NE2  N N N 65  
GLN OXT  O N N 66  
GLN H    H N N 67  
GLN H2   H N N 68  
GLN HA   H N N 69  
GLN HB2  H N N 70  
GLN HB3  H N N 71  
GLN HG2  H N N 72  
GLN HG3  H N N 73  
GLN HE21 H N N 74  
GLN HE22 H N N 75  
GLN HXT  H N N 76  
GLU N    N N N 77  
GLU CA   C N S 78  
GLU C    C N N 79  
GLU O    O N N 80  
GLU CB   C N N 81  
GLU CG   C N N 82  
GLU CD   C N N 83  
GLU OE1  O N N 84  
GLU OE2  O N N 85  
GLU OXT  O N N 86  
GLU H    H N N 87  
GLU H2   H N N 88  
GLU HA   H N N 89  
GLU HB2  H N N 90  
GLU HB3  H N N 91  
GLU HG2  H N N 92  
GLU HG3  H N N 93  
GLU HE2  H N N 94  
GLU HXT  H N N 95  
GLY N    N N N 96  
GLY CA   C N N 97  
GLY C    C N N 98  
GLY O    O N N 99  
GLY OXT  O N N 100 
GLY H    H N N 101 
GLY H2   H N N 102 
GLY HA2  H N N 103 
GLY HA3  H N N 104 
GLY HXT  H N N 105 
HIS N    N N N 106 
HIS CA   C N S 107 
HIS C    C N N 108 
HIS O    O N N 109 
HIS CB   C N N 110 
HIS CG   C Y N 111 
HIS ND1  N Y N 112 
HIS CD2  C Y N 113 
HIS CE1  C Y N 114 
HIS NE2  N Y N 115 
HIS OXT  O N N 116 
HIS H    H N N 117 
HIS H2   H N N 118 
HIS HA   H N N 119 
HIS HB2  H N N 120 
HIS HB3  H N N 121 
HIS HD1  H N N 122 
HIS HD2  H N N 123 
HIS HE1  H N N 124 
HIS HE2  H N N 125 
HIS HXT  H N N 126 
LEU N    N N N 127 
LEU CA   C N S 128 
LEU C    C N N 129 
LEU O    O N N 130 
LEU CB   C N N 131 
LEU CG   C N N 132 
LEU CD1  C N N 133 
LEU CD2  C N N 134 
LEU OXT  O N N 135 
LEU H    H N N 136 
LEU H2   H N N 137 
LEU HA   H N N 138 
LEU HB2  H N N 139 
LEU HB3  H N N 140 
LEU HG   H N N 141 
LEU HD11 H N N 142 
LEU HD12 H N N 143 
LEU HD13 H N N 144 
LEU HD21 H N N 145 
LEU HD22 H N N 146 
LEU HD23 H N N 147 
LEU HXT  H N N 148 
LYS N    N N N 149 
LYS CA   C N S 150 
LYS C    C N N 151 
LYS O    O N N 152 
LYS CB   C N N 153 
LYS CG   C N N 154 
LYS CD   C N N 155 
LYS CE   C N N 156 
LYS NZ   N N N 157 
LYS OXT  O N N 158 
LYS H    H N N 159 
LYS H2   H N N 160 
LYS HA   H N N 161 
LYS HB2  H N N 162 
LYS HB3  H N N 163 
LYS HG2  H N N 164 
LYS HG3  H N N 165 
LYS HD2  H N N 166 
LYS HD3  H N N 167 
LYS HE2  H N N 168 
LYS HE3  H N N 169 
LYS HZ1  H N N 170 
LYS HZ2  H N N 171 
LYS HZ3  H N N 172 
LYS HXT  H N N 173 
MET N    N N N 174 
MET CA   C N S 175 
MET C    C N N 176 
MET O    O N N 177 
MET CB   C N N 178 
MET CG   C N N 179 
MET SD   S N N 180 
MET CE   C N N 181 
MET OXT  O N N 182 
MET H    H N N 183 
MET H2   H N N 184 
MET HA   H N N 185 
MET HB2  H N N 186 
MET HB3  H N N 187 
MET HG2  H N N 188 
MET HG3  H N N 189 
MET HE1  H N N 190 
MET HE2  H N N 191 
MET HE3  H N N 192 
MET HXT  H N N 193 
TYR N    N N N 194 
TYR CA   C N S 195 
TYR C    C N N 196 
TYR O    O N N 197 
TYR CB   C N N 198 
TYR CG   C Y N 199 
TYR CD1  C Y N 200 
TYR CD2  C Y N 201 
TYR CE1  C Y N 202 
TYR CE2  C Y N 203 
TYR CZ   C Y N 204 
TYR OH   O N N 205 
TYR OXT  O N N 206 
TYR H    H N N 207 
TYR H2   H N N 208 
TYR HA   H N N 209 
TYR HB2  H N N 210 
TYR HB3  H N N 211 
TYR HD1  H N N 212 
TYR HD2  H N N 213 
TYR HE1  H N N 214 
TYR HE2  H N N 215 
TYR HH   H N N 216 
TYR HXT  H N N 217 
VAL N    N N N 218 
VAL CA   C N S 219 
VAL C    C N N 220 
VAL O    O N N 221 
VAL CB   C N N 222 
VAL CG1  C N N 223 
VAL CG2  C N N 224 
VAL OXT  O N N 225 
VAL H    H N N 226 
VAL H2   H N N 227 
VAL HA   H N N 228 
VAL HB   H N N 229 
VAL HG11 H N N 230 
VAL HG12 H N N 231 
VAL HG13 H N N 232 
VAL HG21 H N N 233 
VAL HG22 H N N 234 
VAL HG23 H N N 235 
VAL HXT  H N N 236 
# 
loop_
_chem_comp_bond.comp_id 
_chem_comp_bond.atom_id_1 
_chem_comp_bond.atom_id_2 
_chem_comp_bond.value_order 
_chem_comp_bond.pdbx_aromatic_flag 
_chem_comp_bond.pdbx_stereo_config 
_chem_comp_bond.pdbx_ordinal 
ALA N   CA   sing N N 1   
ALA N   H    sing N N 2   
ALA N   H2   sing N N 3   
ALA CA  C    sing N N 4   
ALA CA  CB   sing N N 5   
ALA CA  HA   sing N N 6   
ALA C   O    doub N N 7   
ALA C   OXT  sing N N 8   
ALA CB  HB1  sing N N 9   
ALA CB  HB2  sing N N 10  
ALA CB  HB3  sing N N 11  
ALA OXT HXT  sing N N 12  
ARG N   CA   sing N N 13  
ARG N   H    sing N N 14  
ARG N   H2   sing N N 15  
ARG CA  C    sing N N 16  
ARG CA  CB   sing N N 17  
ARG CA  HA   sing N N 18  
ARG C   O    doub N N 19  
ARG C   OXT  sing N N 20  
ARG CB  CG   sing N N 21  
ARG CB  HB2  sing N N 22  
ARG CB  HB3  sing N N 23  
ARG CG  CD   sing N N 24  
ARG CG  HG2  sing N N 25  
ARG CG  HG3  sing N N 26  
ARG CD  NE   sing N N 27  
ARG CD  HD2  sing N N 28  
ARG CD  HD3  sing N N 29  
ARG NE  CZ   sing N N 30  
ARG NE  HE   sing N N 31  
ARG CZ  NH1  sing N N 32  
ARG CZ  NH2  doub N N 33  
ARG NH1 HH11 sing N N 34  
ARG NH1 HH12 sing N N 35  
ARG NH2 HH21 sing N N 36  
ARG NH2 HH22 sing N N 37  
ARG OXT HXT  sing N N 38  
ASP N   CA   sing N N 39  
ASP N   H    sing N N 40  
ASP N   H2   sing N N 41  
ASP CA  C    sing N N 42  
ASP CA  CB   sing N N 43  
ASP CA  HA   sing N N 44  
ASP C   O    doub N N 45  
ASP C   OXT  sing N N 46  
ASP CB  CG   sing N N 47  
ASP CB  HB2  sing N N 48  
ASP CB  HB3  sing N N 49  
ASP CG  OD1  doub N N 50  
ASP CG  OD2  sing N N 51  
ASP OD2 HD2  sing N N 52  
ASP OXT HXT  sing N N 53  
GLN N   CA   sing N N 54  
GLN N   H    sing N N 55  
GLN N   H2   sing N N 56  
GLN CA  C    sing N N 57  
GLN CA  CB   sing N N 58  
GLN CA  HA   sing N N 59  
GLN C   O    doub N N 60  
GLN C   OXT  sing N N 61  
GLN CB  CG   sing N N 62  
GLN CB  HB2  sing N N 63  
GLN CB  HB3  sing N N 64  
GLN CG  CD   sing N N 65  
GLN CG  HG2  sing N N 66  
GLN CG  HG3  sing N N 67  
GLN CD  OE1  doub N N 68  
GLN CD  NE2  sing N N 69  
GLN NE2 HE21 sing N N 70  
GLN NE2 HE22 sing N N 71  
GLN OXT HXT  sing N N 72  
GLU N   CA   sing N N 73  
GLU N   H    sing N N 74  
GLU N   H2   sing N N 75  
GLU CA  C    sing N N 76  
GLU CA  CB   sing N N 77  
GLU CA  HA   sing N N 78  
GLU C   O    doub N N 79  
GLU C   OXT  sing N N 80  
GLU CB  CG   sing N N 81  
GLU CB  HB2  sing N N 82  
GLU CB  HB3  sing N N 83  
GLU CG  CD   sing N N 84  
GLU CG  HG2  sing N N 85  
GLU CG  HG3  sing N N 86  
GLU CD  OE1  doub N N 87  
GLU CD  OE2  sing N N 88  
GLU OE2 HE2  sing N N 89  
GLU OXT HXT  sing N N 90  
GLY N   CA   sing N N 91  
GLY N   H    sing N N 92  
GLY N   H2   sing N N 93  
GLY CA  C    sing N N 94  
GLY CA  HA2  sing N N 95  
GLY CA  HA3  sing N N 96  
GLY C   O    doub N N 97  
GLY C   OXT  sing N N 98  
GLY OXT HXT  sing N N 99  
HIS N   CA   sing N N 100 
HIS N   H    sing N N 101 
HIS N   H2   sing N N 102 
HIS CA  C    sing N N 103 
HIS CA  CB   sing N N 104 
HIS CA  HA   sing N N 105 
HIS C   O    doub N N 106 
HIS C   OXT  sing N N 107 
HIS CB  CG   sing N N 108 
HIS CB  HB2  sing N N 109 
HIS CB  HB3  sing N N 110 
HIS CG  ND1  sing Y N 111 
HIS CG  CD2  doub Y N 112 
HIS ND1 CE1  doub Y N 113 
HIS ND1 HD1  sing N N 114 
HIS CD2 NE2  sing Y N 115 
HIS CD2 HD2  sing N N 116 
HIS CE1 NE2  sing Y N 117 
HIS CE1 HE1  sing N N 118 
HIS NE2 HE2  sing N N 119 
HIS OXT HXT  sing N N 120 
LEU N   CA   sing N N 121 
LEU N   H    sing N N 122 
LEU N   H2   sing N N 123 
LEU CA  C    sing N N 124 
LEU CA  CB   sing N N 125 
LEU CA  HA   sing N N 126 
LEU C   O    doub N N 127 
LEU C   OXT  sing N N 128 
LEU CB  CG   sing N N 129 
LEU CB  HB2  sing N N 130 
LEU CB  HB3  sing N N 131 
LEU CG  CD1  sing N N 132 
LEU CG  CD2  sing N N 133 
LEU CG  HG   sing N N 134 
LEU CD1 HD11 sing N N 135 
LEU CD1 HD12 sing N N 136 
LEU CD1 HD13 sing N N 137 
LEU CD2 HD21 sing N N 138 
LEU CD2 HD22 sing N N 139 
LEU CD2 HD23 sing N N 140 
LEU OXT HXT  sing N N 141 
LYS N   CA   sing N N 142 
LYS N   H    sing N N 143 
LYS N   H2   sing N N 144 
LYS CA  C    sing N N 145 
LYS CA  CB   sing N N 146 
LYS CA  HA   sing N N 147 
LYS C   O    doub N N 148 
LYS C   OXT  sing N N 149 
LYS CB  CG   sing N N 150 
LYS CB  HB2  sing N N 151 
LYS CB  HB3  sing N N 152 
LYS CG  CD   sing N N 153 
LYS CG  HG2  sing N N 154 
LYS CG  HG3  sing N N 155 
LYS CD  CE   sing N N 156 
LYS CD  HD2  sing N N 157 
LYS CD  HD3  sing N N 158 
LYS CE  NZ   sing N N 159 
LYS CE  HE2  sing N N 160 
LYS CE  HE3  sing N N 161 
LYS NZ  HZ1  sing N N 162 
LYS NZ  HZ2  sing N N 163 
LYS NZ  HZ3  sing N N 164 
LYS OXT HXT  sing N N 165 
MET N   CA   sing N N 166 
MET N   H    sing N N 167 
MET N   H2   sing N N 168 
MET CA  C    sing N N 169 
MET CA  CB   sing N N 170 
MET CA  HA   sing N N 171 
MET C   O    doub N N 172 
MET C   OXT  sing N N 173 
MET CB  CG   sing N N 174 
MET CB  HB2  sing N N 175 
MET CB  HB3  sing N N 176 
MET CG  SD   sing N N 177 
MET CG  HG2  sing N N 178 
MET CG  HG3  sing N N 179 
MET SD  CE   sing N N 180 
MET CE  HE1  sing N N 181 
MET CE  HE2  sing N N 182 
MET CE  HE3  sing N N 183 
MET OXT HXT  sing N N 184 
TYR N   CA   sing N N 185 
TYR N   H    sing N N 186 
TYR N   H2   sing N N 187 
TYR CA  C    sing N N 188 
TYR CA  CB   sing N N 189 
TYR CA  HA   sing N N 190 
TYR C   O    doub N N 191 
TYR C   OXT  sing N N 192 
TYR CB  CG   sing N N 193 
TYR CB  HB2  sing N N 194 
TYR CB  HB3  sing N N 195 
TYR CG  CD1  doub Y N 196 
TYR CG  CD2  sing Y N 197 
TYR CD1 CE1  sing Y N 198 
TYR CD1 HD1  sing N N 199 
TYR CD2 CE2  doub Y N 200 
TYR CD2 HD2  sing N N 201 
TYR CE1 CZ   doub Y N 202 
TYR CE1 HE1  sing N N 203 
TYR CE2 CZ   sing Y N 204 
TYR CE2 HE2  sing N N 205 
TYR CZ  OH   sing N N 206 
TYR OH  HH   sing N N 207 
TYR OXT HXT  sing N N 208 
VAL N   CA   sing N N 209 
VAL N   H    sing N N 210 
VAL N   H2   sing N N 211 
VAL CA  C    sing N N 212 
VAL CA  CB   sing N N 213 
VAL CA  HA   sing N N 214 
VAL C   O    doub N N 215 
VAL C   OXT  sing N N 216 
VAL CB  CG1  sing N N 217 
VAL CB  CG2  sing N N 218 
VAL CB  HB   sing N N 219 
VAL CG1 HG11 sing N N 220 
VAL CG1 HG12 sing N N 221 
VAL CG1 HG13 sing N N 222 
VAL CG2 HG21 sing N N 223 
VAL CG2 HG22 sing N N 224 
VAL CG2 HG23 sing N N 225 
VAL OXT HXT  sing N N 226 
# 
loop_
_pdbx_nmr_spectrometer.field_strength 
_pdbx_nmr_spectrometer.manufacturer 
_pdbx_nmr_spectrometer.model 
_pdbx_nmr_spectrometer.spectrometer_id 
_pdbx_nmr_spectrometer.type 
500 Bruker AVANCE 1 'Bruker Avance' 
700 Bruker AVANCE 2 'Bruker Avance' 
# 
_atom_sites.entry_id                    2LNY 
_atom_sites.fract_transf_matrix[1][1]   1.000000 
_atom_sites.fract_transf_matrix[1][2]   0.000000 
_atom_sites.fract_transf_matrix[1][3]   0.000000 
_atom_sites.fract_transf_matrix[2][1]   0.000000 
_atom_sites.fract_transf_matrix[2][2]   1.000000 
_atom_sites.fract_transf_matrix[2][3]   0.000000 
_atom_sites.fract_transf_matrix[3][1]   0.000000 
_atom_sites.fract_transf_matrix[3][2]   0.000000 
_atom_sites.fract_transf_matrix[3][3]   1.000000 
_atom_sites.fract_transf_vector[1]      0.00000 
_atom_sites.fract_transf_vector[2]      0.00000 
_atom_sites.fract_transf_vector[3]      0.00000 
# 
loop_
_atom_type.symbol 
C 
H 
N 
O 
S 
# 
loop_
_atom_site.group_PDB 
_atom_site.id 
_atom_site.type_symbol 
_atom_site.label_atom_id 
_atom_site.label_alt_id 
_atom_site.label_comp_id 
_atom_site.label_asym_id 
_atom_site.label_entity_id 
_atom_site.label_seq_id 
_atom_site.pdbx_PDB_ins_code 
_atom_site.Cartn_x 
_atom_site.Cartn_y 
_atom_site.Cartn_z 
_atom_site.occupancy 
_atom_site.B_iso_or_equiv 
_atom_site.pdbx_formal_charge 
_atom_site.auth_seq_id 
_atom_site.auth_comp_id 
_atom_site.auth_asym_id 
_atom_site.auth_atom_id 
_atom_site.pdbx_PDB_model_num 
ATOM 1   N N    . MET A 1 1  ? 0.700   -1.802 2.378   1.00 0.00 ?  1  MET A N    1 
ATOM 2   C CA   . MET A 1 1  ? 1.582   -2.082 1.235   1.00 0.00 ?  1  MET A CA   1 
ATOM 3   C C    . MET A 1 1  ? 2.614   -0.968 1.026   1.00 0.00 ?  1  MET A C    1 
ATOM 4   O O    . MET A 1 1  ? 2.163   0.101  0.617   1.00 0.00 ?  1  MET A O    1 
ATOM 5   C CB   . MET A 1 1  ? 0.790   -2.429 -0.026  1.00 0.00 ?  1  MET A CB   1 
ATOM 6   C CG   . MET A 1 1  ? 1.673   -2.584 -1.274  1.00 0.00 ?  1  MET A CG   1 
ATOM 7   S SD   . MET A 1 1  ? 3.024   -3.810 -1.132  1.00 0.00 ?  1  MET A SD   1 
ATOM 8   C CE   . MET A 1 1  ? 2.267   -5.345 -1.593  1.00 0.00 ?  1  MET A CE   1 
ATOM 9   H H1   . MET A 1 1  ? 0.058   -2.524 2.611   1.00 0.00 ?  1  MET A H1   1 
ATOM 10  H H2   . MET A 1 1  ? 1.346   -1.526 3.093   1.00 0.00 ?  1  MET A H2   1 
ATOM 11  H H3   . MET A 1 1  ? 0.157   -0.972 2.221   1.00 0.00 ?  1  MET A H3   1 
ATOM 12  N N    . ALA A 1 2  ? 3.852   -1.290 1.384   1.00 0.00 ?  2  ALA A N    1 
ATOM 13  C CA   . ALA A 1 2  ? 4.883   -0.262 1.133   1.00 0.00 ?  2  ALA A CA   1 
ATOM 14  C C    . ALA A 1 2  ? 6.160   -0.929 0.623   1.00 0.00 ?  2  ALA A C    1 
ATOM 15  O O    . ALA A 1 2  ? 7.287   -0.741 1.073   1.00 0.00 ?  2  ALA A O    1 
ATOM 16  C CB   . ALA A 1 2  ? 5.137   0.432  2.477   1.00 0.00 ?  2  ALA A CB   1 
ATOM 17  H H    . ALA A 1 2  ? 4.286   -2.182 1.512   1.00 0.00 ?  2  ALA A H    1 
ATOM 18  N N    . ALA A 1 3  ? 6.036   -1.591 -0.526  1.00 0.00 ?  3  ALA A N    1 
ATOM 19  C CA   . ALA A 1 3  ? 7.185   -2.186 -1.242  1.00 0.00 ?  3  ALA A CA   1 
ATOM 20  C C    . ALA A 1 3  ? 7.781   -1.141 -2.188  1.00 0.00 ?  3  ALA A C    1 
ATOM 21  O O    . ALA A 1 3  ? 7.634   -0.996 -3.395  1.00 0.00 ?  3  ALA A O    1 
ATOM 22  C CB   . ALA A 1 3  ? 6.774   -3.381 -2.101  1.00 0.00 ?  3  ALA A CB   1 
ATOM 23  H H    . ALA A 1 3  ? 5.192   -1.753 -1.037  1.00 0.00 ?  3  ALA A H    1 
ATOM 24  N N    . VAL A 1 4  ? 8.479   -0.216 -1.552  1.00 0.00 ?  4  VAL A N    1 
ATOM 25  C CA   . VAL A 1 4  ? 9.117   0.968  -2.150  1.00 0.00 ?  4  VAL A CA   1 
ATOM 26  C C    . VAL A 1 4  ? 10.646  0.779  -2.148  1.00 0.00 ?  4  VAL A C    1 
ATOM 27  O O    . VAL A 1 4  ? 11.419  1.313  -1.360  1.00 0.00 ?  4  VAL A O    1 
ATOM 28  C CB   . VAL A 1 4  ? 8.588   2.270  -1.551  1.00 0.00 ?  4  VAL A CB   1 
ATOM 29  C CG1  . VAL A 1 4  ? 7.120   2.458  -1.937  1.00 0.00 ?  4  VAL A CG1  1 
ATOM 30  C CG2  . VAL A 1 4  ? 8.722   2.130  -0.038  1.00 0.00 ?  4  VAL A CG2  1 
ATOM 31  H H    . VAL A 1 4  ? 8.607   -0.251 -0.554  1.00 0.00 ?  4  VAL A H    1 
ATOM 32  N N    . ALA A 1 5  ? 10.990  -0.039 -3.142  1.00 0.00 ?  5  ALA A N    1 
ATOM 33  C CA   . ALA A 1 5  ? 12.358  -0.538 -3.335  1.00 0.00 ?  5  ALA A CA   1 
ATOM 34  C C    . ALA A 1 5  ? 12.857  0.063  -4.656  1.00 0.00 ?  5  ALA A C    1 
ATOM 35  O O    . ALA A 1 5  ? 13.440  -0.665 -5.454  1.00 0.00 ?  5  ALA A O    1 
ATOM 36  C CB   . ALA A 1 5  ? 12.316  -2.063 -3.454  1.00 0.00 ?  5  ALA A CB   1 
ATOM 37  H H    . ALA A 1 5  ? 10.340  -0.464 -3.770  1.00 0.00 ?  5  ALA A H    1 
ATOM 38  N N    . GLY A 1 6  ? 12.624  1.316  -5.013  1.00 0.00 ?  6  GLY A N    1 
ATOM 39  C CA   . GLY A 1 6  ? 13.072  2.083  -6.194  1.00 0.00 ?  6  GLY A CA   1 
ATOM 40  C C    . GLY A 1 6  ? 12.682  1.577  -7.584  1.00 0.00 ?  6  GLY A C    1 
ATOM 41  O O    . GLY A 1 6  ? 11.645  1.976  -8.114  1.00 0.00 ?  6  GLY A O    1 
ATOM 42  H H    . GLY A 1 6  ? 12.077  1.832  -4.350  1.00 0.00 ?  6  GLY A H    1 
ATOM 43  N N    . LEU A 1 7  ? 13.337  0.494  -7.978  1.00 0.00 ?  7  LEU A N    1 
ATOM 44  C CA   . LEU A 1 7  ? 12.985  -0.066 -9.284  1.00 0.00 ?  7  LEU A CA   1 
ATOM 45  C C    . LEU A 1 7  ? 11.635  -0.783 -9.261  1.00 0.00 ?  7  LEU A C    1 
ATOM 46  O O    . LEU A 1 7  ? 11.118  -1.092 -10.329 1.00 0.00 ?  7  LEU A O    1 
ATOM 47  C CB   . LEU A 1 7  ? 13.971  -1.136 -9.767  1.00 0.00 ?  7  LEU A CB   1 
ATOM 48  C CG   . LEU A 1 7  ? 15.280  -0.554 -10.316 1.00 0.00 ?  7  LEU A CG   1 
ATOM 49  C CD1  . LEU A 1 7  ? 16.253  -1.714 -10.520 1.00 0.00 ?  7  LEU A CD1  1 
ATOM 50  C CD2  . LEU A 1 7  ? 14.918  0.137  -11.633 1.00 0.00 ?  7  LEU A CD2  1 
ATOM 51  H H    . LEU A 1 7  ? 13.934  -0.063 -7.386  1.00 0.00 ?  7  LEU A H    1 
ATOM 52  N N    . TYR A 1 8  ? 11.251  -1.253 -8.075  1.00 0.00 ?  8  TYR A N    1 
ATOM 53  C CA   . TYR A 1 8  ? 9.870   -1.669 -7.762  1.00 0.00 ?  8  TYR A CA   1 
ATOM 54  C C    . TYR A 1 8  ? 9.397   -0.805 -6.594  1.00 0.00 ?  8  TYR A C    1 
ATOM 55  O O    . TYR A 1 8  ? 9.752   -1.026 -5.438  1.00 0.00 ?  8  TYR A O    1 
ATOM 56  C CB   . TYR A 1 8  ? 9.890   -3.137 -7.347  1.00 0.00 ?  8  TYR A CB   1 
ATOM 57  C CG   . TYR A 1 8  ? 8.495   -3.744 -7.142  1.00 0.00 ?  8  TYR A CG   1 
ATOM 58  C CD1  . TYR A 1 8  ? 7.817   -3.622 -5.928  1.00 0.00 ?  8  TYR A CD1  1 
ATOM 59  C CD2  . TYR A 1 8  ? 8.109   -4.567 -8.188  1.00 0.00 ?  8  TYR A CD2  1 
ATOM 60  C CE1  . TYR A 1 8  ? 6.573   -4.235 -5.859  1.00 0.00 ?  8  TYR A CE1  1 
ATOM 61  C CE2  . TYR A 1 8  ? 6.892   -5.210 -7.974  1.00 0.00 ?  8  TYR A CE2  1 
ATOM 62  C CZ   . TYR A 1 8  ? 6.093   -5.086 -6.845  1.00 0.00 ?  8  TYR A CZ   1 
ATOM 63  O OH   . TYR A 1 8  ? 4.891   -5.711 -6.697  1.00 0.00 ?  8  TYR A OH   1 
ATOM 64  H H    . TYR A 1 8  ? 11.930  -1.424 -7.366  1.00 0.00 ?  8  TYR A H    1 
ATOM 65  H HD1  . TYR A 1 8  ? 8.213   -3.143 -5.033  1.00 0.00 ?  8  TYR A HD1  1 
ATOM 66  H HD2  . TYR A 1 8  ? 8.640   -4.565 -9.137  1.00 0.00 ?  8  TYR A HD2  1 
ATOM 67  H HE1  . TYR A 1 8  ? 6.135   -4.197 -4.858  1.00 0.00 ?  8  TYR A HE1  1 
ATOM 68  H HE2  . TYR A 1 8  ? 6.606   -5.985 -8.684  1.00 0.00 ?  8  TYR A HE2  1 
ATOM 69  H HH   . TYR A 1 8  ? 4.457   -5.806 -7.587  1.00 0.00 ?  8  TYR A HH   1 
ATOM 70  N N    . GLY A 1 9  ? 8.726   0.270  -6.988  1.00 0.00 ?  9  GLY A N    1 
ATOM 71  C CA   . GLY A 1 9  ? 8.024   1.270  -6.166  1.00 0.00 ?  9  GLY A CA   1 
ATOM 72  C C    . GLY A 1 9  ? 6.518   1.160  -5.997  1.00 0.00 ?  9  GLY A C    1 
ATOM 73  O O    . GLY A 1 9  ? 5.831   1.753  -6.833  1.00 0.00 ?  9  GLY A O    1 
ATOM 74  H H    . GLY A 1 9  ? 8.720   0.549  -7.947  1.00 0.00 ?  9  GLY A H    1 
ATOM 75  N N    . LEU A 1 10 ? 6.105   0.179  -5.200  1.00 0.00 ?  10 LEU A N    1 
ATOM 76  C CA   . LEU A 1 10 ? 4.692   -0.119 -4.970  1.00 0.00 ?  10 LEU A CA   1 
ATOM 77  C C    . LEU A 1 10 ? 4.169   0.105  -3.539  1.00 0.00 ?  10 LEU A C    1 
ATOM 78  O O    . LEU A 1 10 ? 4.271   -0.702 -2.621  1.00 0.00 ?  10 LEU A O    1 
ATOM 79  C CB   . LEU A 1 10 ? 4.415   -1.559 -5.394  1.00 0.00 ?  10 LEU A CB   1 
ATOM 80  C CG   . LEU A 1 10 ? 3.078   -1.672 -6.127  1.00 0.00 ?  10 LEU A CG   1 
ATOM 81  C CD1  . LEU A 1 10 ? 2.847   -3.081 -6.682  1.00 0.00 ?  10 LEU A CD1  1 
ATOM 82  C CD2  . LEU A 1 10 ? 1.901   -1.263 -5.229  1.00 0.00 ?  10 LEU A CD2  1 
ATOM 83  H H    . LEU A 1 10 ? 6.761   -0.358 -4.661  1.00 0.00 ?  10 LEU A H    1 
ATOM 84  N N    . GLY A 1 11 ? 3.570   1.282  -3.396  1.00 0.00 ?  11 GLY A N    1 
ATOM 85  C CA   . GLY A 1 11 ? 3.030   1.757  -2.111  1.00 0.00 ?  11 GLY A CA   1 
ATOM 86  C C    . GLY A 1 11 ? 1.527   2.007  -2.190  1.00 0.00 ?  11 GLY A C    1 
ATOM 87  O O    . GLY A 1 11 ? 1.053   2.700  -3.088  1.00 0.00 ?  11 GLY A O    1 
ATOM 88  H H    . GLY A 1 11 ? 3.543   1.927  -4.157  1.00 0.00 ?  11 GLY A H    1 
ATOM 89  N N    . GLU A 1 12 ? 0.810   1.441  -1.220  1.00 0.00 ?  12 GLU A N    1 
ATOM 90  C CA   . GLU A 1 12 ? -0.651  1.573  -1.139  1.00 0.00 ?  12 GLU A CA   1 
ATOM 91  C C    . GLU A 1 12 ? -1.370  1.173  0.156   1.00 0.00 ?  12 GLU A C    1 
ATOM 92  O O    . GLU A 1 12 ? -1.172  0.123  0.771   1.00 0.00 ?  12 GLU A O    1 
ATOM 93  C CB   . GLU A 1 12 ? -1.336  0.743  -2.217  1.00 0.00 ?  12 GLU A CB   1 
ATOM 94  C CG   . GLU A 1 12 ? -2.766  1.092  -2.641  1.00 0.00 ?  12 GLU A CG   1 
ATOM 95  C CD   . GLU A 1 12 ? -3.267  0.039  -3.620  1.00 0.00 ?  12 GLU A CD   1 
ATOM 96  O OE1  . GLU A 1 12 ? -2.498  -0.479 -4.462  1.00 0.00 ?  12 GLU A OE1  1 
ATOM 97  O OE2  . GLU A 1 12 ? -4.411  -0.433 -3.438  1.00 0.00 -1 12 GLU A OE2  1 
ATOM 98  H H    . GLU A 1 12 ? 1.247   0.930  -0.483  1.00 0.00 ?  12 GLU A H    1 
ATOM 99  N N    . ASP A 1 13 ? -2.037  2.176  0.707   1.00 0.00 ?  13 ASP A N    1 
ATOM 100 C CA   . ASP A 1 13 ? -2.869  2.007  1.902   1.00 0.00 ?  13 ASP A CA   1 
ATOM 101 C C    . ASP A 1 13 ? -4.152  1.240  1.553   1.00 0.00 ?  13 ASP A C    1 
ATOM 102 O O    . ASP A 1 13 ? -4.833  1.530  0.569   1.00 0.00 ?  13 ASP A O    1 
ATOM 103 C CB   . ASP A 1 13 ? -3.279  3.400  2.377   1.00 0.00 ?  13 ASP A CB   1 
ATOM 104 C CG   . ASP A 1 13 ? -4.291  3.158  3.502   1.00 0.00 ?  13 ASP A CG   1 
ATOM 105 O OD1  . ASP A 1 13 ? -3.805  3.052  4.647   1.00 0.00 ?  13 ASP A OD1  1 
ATOM 106 O OD2  . ASP A 1 13 ? -5.521  3.289  3.291   1.00 0.00 -1 13 ASP A OD2  1 
ATOM 107 H H    . ASP A 1 13 ? -2.104  3.007  0.156   1.00 0.00 ?  13 ASP A H    1 
ATOM 108 N N    . ARG A 1 14 ? -4.212  0.086  2.201   1.00 0.00 ?  14 ARG A N    1 
ATOM 109 C CA   . ARG A 1 14 ? -5.435  -0.739 2.163   1.00 0.00 ?  14 ARG A CA   1 
ATOM 110 C C    . ARG A 1 14 ? -6.101  -0.703 3.542   1.00 0.00 ?  14 ARG A C    1 
ATOM 111 O O    . ARG A 1 14 ? -6.283  -1.721 4.205   1.00 0.00 ?  14 ARG A O    1 
ATOM 112 C CB   . ARG A 1 14 ? -4.943  -2.149 1.830   1.00 0.00 ?  14 ARG A CB   1 
ATOM 113 C CG   . ARG A 1 14 ? -5.995  -2.959 1.072   1.00 0.00 ?  14 ARG A CG   1 
ATOM 114 C CD   . ARG A 1 14 ? -5.626  -4.426 0.796   1.00 0.00 ?  14 ARG A CD   1 
ATOM 115 N NE   . ARG A 1 14 ? -4.858  -4.558 -0.446  1.00 0.00 ?  14 ARG A NE   1 
ATOM 116 C CZ   . ARG A 1 14 ? -4.217  -5.692 -0.779  1.00 0.00 ?  14 ARG A CZ   1 
ATOM 117 N NH1  . ARG A 1 14 ? -4.166  -6.810 -0.050  1.00 0.00 1  14 ARG A NH1  1 
ATOM 118 N NH2  . ARG A 1 14 ? -3.654  -5.729 -1.994  1.00 0.00 ?  14 ARG A NH2  1 
ATOM 119 H H    . ARG A 1 14 ? -3.542  -0.140 2.908   1.00 0.00 ?  14 ARG A H    1 
ATOM 120 H HE   . ARG A 1 14 ? -4.922  -3.809 -1.103  1.00 0.00 ?  14 ARG A HE   1 
ATOM 121 H HH11 . ARG A 1 14 ? -4.646  -6.941 0.819   1.00 0.00 ?  14 ARG A HH11 1 
ATOM 122 H HH12 . ARG A 1 14 ? -3.719  -7.571 -0.524  1.00 0.00 ?  14 ARG A HH12 1 
ATOM 123 H HH21 . ARG A 1 14 ? -3.650  -4.925 -2.592  1.00 0.00 ?  14 ARG A HH21 1 
ATOM 124 H HH22 . ARG A 1 14 ? -3.342  -6.607 -2.363  1.00 0.00 ?  14 ARG A HH22 1 
ATOM 125 N N    . GLN A 1 15 ? -6.543  0.421  4.101   1.00 0.00 ?  15 GLN A N    1 
ATOM 126 C CA   . GLN A 1 15 ? -7.329  0.538  5.338   1.00 0.00 ?  15 GLN A CA   1 
ATOM 127 C C    . GLN A 1 15 ? -8.744  -0.008 5.159   1.00 0.00 ?  15 GLN A C    1 
ATOM 128 O O    . GLN A 1 15 ? -9.331  0.132  4.090   1.00 0.00 ?  15 GLN A O    1 
ATOM 129 C CB   . GLN A 1 15 ? -7.240  1.979  5.848   1.00 0.00 ?  15 GLN A CB   1 
ATOM 130 C CG   . GLN A 1 15 ? -8.318  2.954  5.388   1.00 0.00 ?  15 GLN A CG   1 
ATOM 131 C CD   . GLN A 1 15 ? -8.074  4.367  5.943   1.00 0.00 ?  15 GLN A CD   1 
ATOM 132 O OE1  . GLN A 1 15 ? -7.479  5.259  5.346   1.00 0.00 ?  15 GLN A OE1  1 
ATOM 133 N NE2  . GLN A 1 15 ? -8.684  4.754  7.053   1.00 0.00 ?  15 GLN A NE2  1 
ATOM 134 H H    . GLN A 1 15 ? -6.369  1.332  3.732   1.00 0.00 ?  15 GLN A H    1 
ATOM 135 H HE21 . GLN A 1 15 ? -9.088  4.160  7.761   1.00 0.00 ?  15 GLN A HE21 1 
ATOM 136 H HE22 . GLN A 1 15 ? -8.708  5.718  7.319   1.00 0.00 ?  15 GLN A HE22 1 
ATOM 137 N N    . HIS A 1 16 ? -9.359  -0.377 6.280   1.00 0.00 ?  16 HIS A N    1 
ATOM 138 C CA   . HIS A 1 16 ? -10.660 -1.067 6.243   1.00 0.00 ?  16 HIS A CA   1 
ATOM 139 C C    . HIS A 1 16 ? -11.752 -0.004 6.294   1.00 0.00 ?  16 HIS A C    1 
ATOM 140 O O    . HIS A 1 16 ? -12.613 0.017  7.171   1.00 0.00 ?  16 HIS A O    1 
ATOM 141 C CB   . HIS A 1 16 ? -10.783 -2.052 7.408   1.00 0.00 ?  16 HIS A CB   1 
ATOM 142 C CG   . HIS A 1 16 ? -9.870  -3.244 7.144   1.00 0.00 ?  16 HIS A CG   1 
ATOM 143 N ND1  . HIS A 1 16 ? -10.296 -4.508 7.101   1.00 0.00 ?  16 HIS A ND1  1 
ATOM 144 C CD2  . HIS A 1 16 ? -8.534  -3.240 7.184   1.00 0.00 ?  16 HIS A CD2  1 
ATOM 145 C CE1  . HIS A 1 16 ? -9.250  -5.313 6.947   1.00 0.00 ?  16 HIS A CE1  1 
ATOM 146 N NE2  . HIS A 1 16 ? -8.194  -4.517 7.018   1.00 0.00 ?  16 HIS A NE2  1 
ATOM 147 H H    . HIS A 1 16 ? -9.196  0.043  7.182   1.00 0.00 ?  16 HIS A H    1 
ATOM 148 H HD1  . HIS A 1 16 ? -11.208 -4.853 7.340   1.00 0.00 ?  16 HIS A HD1  1 
ATOM 149 H HD2  . HIS A 1 16 ? -7.808  -2.434 7.277   1.00 0.00 ?  16 HIS A HD2  1 
ATOM 150 H HE1  . HIS A 1 16 ? -9.248  -6.368 6.647   1.00 0.00 ?  16 HIS A HE1  1 
ATOM 151 H HE2  . HIS A 1 16 ? -7.239  -4.799 7.047   1.00 0.00 ?  16 HIS A HE2  1 
ATOM 152 N N    . ARG A 1 17 ? -11.812 0.700  5.165   1.00 0.00 ?  17 ARG A N    1 
ATOM 153 C CA   . ARG A 1 17 ? -12.810 1.761  4.946   1.00 0.00 ?  17 ARG A CA   1 
ATOM 154 C C    . ARG A 1 17 ? -14.272 1.404  5.232   1.00 0.00 ?  17 ARG A C    1 
ATOM 155 O O    . ARG A 1 17 ? -14.865 0.574  4.544   1.00 0.00 ?  17 ARG A O    1 
ATOM 156 C CB   . ARG A 1 17 ? -12.743 2.422  3.572   1.00 0.00 ?  17 ARG A CB   1 
ATOM 157 C CG   . ARG A 1 17 ? -11.432 3.179  3.325   1.00 0.00 ?  17 ARG A CG   1 
ATOM 158 C CD   . ARG A 1 17 ? -11.691 4.680  3.448   1.00 0.00 ?  17 ARG A CD   1 
ATOM 159 N NE   . ARG A 1 17 ? -10.568 5.416  2.842   1.00 0.00 ?  17 ARG A NE   1 
ATOM 160 C CZ   . ARG A 1 17 ? -10.358 6.737  2.965   1.00 0.00 ?  17 ARG A CZ   1 
ATOM 161 N NH1  . ARG A 1 17 ? -11.276 7.548  3.487   1.00 0.00 1  17 ARG A NH1  1 
ATOM 162 N NH2  . ARG A 1 17 ? -9.204  7.225  2.504   1.00 0.00 ?  17 ARG A NH2  1 
ATOM 163 H H    . ARG A 1 17 ? -11.265 0.513  4.356   1.00 0.00 ?  17 ARG A H    1 
ATOM 164 H HE   . ARG A 1 17 ? -10.003 4.840  2.256   1.00 0.00 ?  17 ARG A HE   1 
ATOM 165 H HH11 . ARG A 1 17 ? -12.167 7.217  3.817   1.00 0.00 ?  17 ARG A HH11 1 
ATOM 166 H HH12 . ARG A 1 17 ? -11.127 8.494  3.762   1.00 0.00 ?  17 ARG A HH12 1 
ATOM 167 H HH21 . ARG A 1 17 ? -8.368  6.700  2.359   1.00 0.00 ?  17 ARG A HH21 1 
ATOM 168 H HH22 . ARG A 1 17 ? -9.166  8.153  2.135   1.00 0.00 ?  17 ARG A HH22 1 
ATOM 169 N N    . LYS A 1 18 ? -14.737 1.994  6.328   1.00 0.00 ?  18 LYS A N    1 
ATOM 170 C CA   . LYS A 1 18 ? -16.141 2.030  6.766   1.00 0.00 ?  18 LYS A CA   1 
ATOM 171 C C    . LYS A 1 18 ? -16.683 0.634  7.065   1.00 0.00 ?  18 LYS A C    1 
ATOM 172 O O    . LYS A 1 18 ? -17.754 0.149  6.707   1.00 0.00 ?  18 LYS A O    1 
ATOM 173 C CB   . LYS A 1 18 ? -17.045 2.804  5.807   1.00 0.00 ?  18 LYS A CB   1 
ATOM 174 C CG   . LYS A 1 18 ? -16.575 4.259  5.780   1.00 0.00 ?  18 LYS A CG   1 
ATOM 175 C CD   . LYS A 1 18 ? -17.346 5.136  4.781   1.00 0.00 ?  18 LYS A CD   1 
ATOM 176 C CE   . LYS A 1 18 ? -18.692 5.516  5.406   1.00 0.00 ?  18 LYS A CE   1 
ATOM 177 N NZ   . LYS A 1 18 ? -19.316 6.622  4.675   1.00 0.00 1  18 LYS A NZ   1 
ATOM 178 H H    . LYS A 1 18 ? -14.124 2.500  6.934   1.00 0.00 ?  18 LYS A H    1 
ATOM 179 H HZ1  . LYS A 1 18 ? -20.289 6.570  4.885   1.00 0.00 ?  18 LYS A HZ1  1 
ATOM 180 H HZ2  . LYS A 1 18 ? -18.895 7.476  4.985   1.00 0.00 ?  18 LYS A HZ2  1 
ATOM 181 H HZ3  . LYS A 1 18 ? -19.233 6.546  3.680   1.00 0.00 ?  18 LYS A HZ3  1 
ATOM 182 N N    . LYS A 1 19 ? -16.087 0.082  8.125   1.00 0.00 ?  19 LYS A N    1 
ATOM 183 C CA   . LYS A 1 19 ? -16.236 -1.331 8.486   1.00 0.00 ?  19 LYS A CA   1 
ATOM 184 C C    . LYS A 1 19 ? -16.254 -2.331 7.321   1.00 0.00 ?  19 LYS A C    1 
ATOM 185 O O    . LYS A 1 19 ? -17.299 -2.730 6.820   1.00 0.00 ?  19 LYS A O    1 
ATOM 186 C CB   . LYS A 1 19 ? -17.380 -1.474 9.488   1.00 0.00 ?  19 LYS A CB   1 
ATOM 187 C CG   . LYS A 1 19 ? -16.969 -1.176 10.931  1.00 0.00 ?  19 LYS A CG   1 
ATOM 188 C CD   . LYS A 1 19 ? -18.235 -0.942 11.762  1.00 0.00 ?  19 LYS A CD   1 
ATOM 189 C CE   . LYS A 1 19 ? -17.922 -1.101 13.246  1.00 0.00 ?  19 LYS A CE   1 
ATOM 190 N NZ   . LYS A 1 19 ? -19.156 -1.472 13.952  1.00 0.00 1  19 LYS A NZ   1 
ATOM 191 H H    . LYS A 1 19 ? -15.556 0.605  8.794   1.00 0.00 ?  19 LYS A H    1 
ATOM 192 H HZ1  . LYS A 1 19 ? -19.093 -1.369 14.950  1.00 0.00 ?  19 LYS A HZ1  1 
ATOM 193 H HZ2  . LYS A 1 19 ? -19.818 -0.803 13.620  1.00 0.00 ?  19 LYS A HZ2  1 
ATOM 194 H HZ3  . LYS A 1 19 ? -19.513 -2.351 13.644  1.00 0.00 ?  19 LYS A HZ3  1 
ATOM 195 N N    . GLN A 1 20 ? -15.048 -2.808 7.019   1.00 0.00 ?  20 GLN A N    1 
ATOM 196 C CA   . GLN A 1 20 ? -14.668 -3.927 6.140   1.00 0.00 ?  20 GLN A CA   1 
ATOM 197 C C    . GLN A 1 20 ? -13.877 -4.837 7.071   1.00 0.00 ?  20 GLN A C    1 
ATOM 198 O O    . GLN A 1 20 ? -13.057 -4.263 7.826   1.00 0.00 ?  20 GLN A O    1 
ATOM 199 C CB   . GLN A 1 20 ? -13.721 -3.297 5.120   1.00 0.00 ?  20 GLN A CB   1 
ATOM 200 C CG   . GLN A 1 20 ? -13.399 -4.173 3.904   1.00 0.00 ?  20 GLN A CG   1 
ATOM 201 C CD   . GLN A 1 20 ? -12.180 -3.700 3.117   1.00 0.00 ?  20 GLN A CD   1 
ATOM 202 O OE1  . GLN A 1 20 ? -11.071 -3.604 3.634   1.00 0.00 ?  20 GLN A OE1  1 
ATOM 203 N NE2  . GLN A 1 20 ? -12.499 -3.006 2.034   1.00 0.00 ?  20 GLN A NE2  1 
ATOM 204 O OXT  . GLN A 1 20 ? -14.252 -6.018 7.212   1.00 0.00 ?  20 GLN A OXT  1 
ATOM 205 H H    . GLN A 1 20 ? -14.266 -2.331 7.422   1.00 0.00 ?  20 GLN A H    1 
ATOM 206 H HE21 . GLN A 1 20 ? -13.442 -2.896 1.703   1.00 0.00 ?  20 GLN A HE21 1 
ATOM 207 H HE22 . GLN A 1 20 ? -11.813 -2.587 1.441   1.00 0.00 ?  20 GLN A HE22 1 
# 
